data_6I1T
#
_entry.id   6I1T
#
_cell.length_a   82.957
_cell.length_b   82.957
_cell.length_c   146.905
_cell.angle_alpha   90.000
_cell.angle_beta   90.000
_cell.angle_gamma   90.000
#
_symmetry.space_group_name_H-M   'P 43 21 2'
#
loop_
_entity.id
_entity.type
_entity.pdbx_description
1 polymer 'Soluble quino protein glucose dehydrogenase'
2 branched 2-acetamido-2-deoxy-beta-D-glucopyranose-(1-4)-2-acetamido-2-deoxy-beta-D-glucopyranose
3 non-polymer 2-acetamido-2-deoxy-beta-D-glucopyranose
4 non-polymer 'TRIETHYLENE GLYCOL'
5 non-polymer 'CALCIUM ION'
6 water water
#
_entity_poly.entity_id   1
_entity_poly.type   'polypeptide(L)'
_entity_poly.pdbx_seq_one_letter_code
;CTTNNLQVTYPAPVAADGWEYRLISTGLTAPRSIVFDSTGGLLVLDAGVGVRRLTLQDNGGTCLSVTANATLIADTALNH
GLAISADGGTIYASTVNDVYAYTYNEQTNTVDPTTRRTVVTNMTNTDHVTRTLLLSSRLPNELLVSRGSAANEDPQARNV
TSGHSQIRAYDISTLAATDPPFDFVAGTLIGWGLRDSVGVGENPTNGGIWSVENSVDDLTREGVDVHQDNPGEELNFHGI
LGNTANQGGNYGYPDCYALWSTAGFPDLGALEVGDQFASDNATAGVTDATCNTNFVDPRLVFQAHVSPLDIKFNTNGTTA
YITFHGSTDRTTPVGYSIVSVAFGLNGQPTSPMDSTTAANNILTSPDLTQCPDDCFTPVGLTFDTIGRLFFSSDSTGEIF
VLQQS
;
_entity_poly.pdbx_strand_id   A
#
# COMPACT_ATOMS: atom_id res chain seq x y z
N CYS A 1 4.95 -4.60 -32.44
CA CYS A 1 4.33 -4.67 -31.09
C CYS A 1 5.29 -4.10 -30.03
N THR A 2 6.50 -4.64 -29.89
CA THR A 2 7.47 -4.10 -28.89
C THR A 2 8.90 -4.08 -29.42
N THR A 3 9.69 -3.08 -29.00
CA THR A 3 11.12 -2.88 -29.38
C THR A 3 12.00 -4.00 -28.81
N ASN A 4 11.73 -4.42 -27.57
CA ASN A 4 12.52 -5.47 -26.88
C ASN A 4 11.56 -6.58 -26.43
N ASN A 5 12.10 -7.76 -26.16
CA ASN A 5 11.23 -8.89 -25.75
C ASN A 5 11.75 -9.38 -24.40
N LEU A 6 11.45 -8.63 -23.35
CA LEU A 6 11.87 -8.99 -21.99
C LEU A 6 11.13 -10.26 -21.59
N GLN A 7 11.75 -11.23 -20.94
CA GLN A 7 11.11 -12.50 -20.52
C GLN A 7 11.31 -12.66 -19.01
N VAL A 8 10.48 -13.17 -18.26
CA VAL A 8 10.66 -13.38 -16.79
C VAL A 8 11.64 -14.54 -16.60
N THR A 9 12.29 -14.57 -15.44
CA THR A 9 13.34 -15.57 -15.14
C THR A 9 12.86 -16.59 -14.12
N TYR A 10 11.55 -16.76 -14.01
CA TYR A 10 10.91 -17.69 -13.05
C TYR A 10 9.57 -18.15 -13.61
N PRO A 11 8.96 -19.22 -13.06
CA PRO A 11 7.66 -19.75 -13.53
C PRO A 11 6.70 -18.55 -13.66
N ALA A 12 6.18 -18.36 -14.85
CA ALA A 12 5.62 -17.06 -15.13
C ALA A 12 4.28 -16.92 -14.40
N PRO A 13 3.94 -15.68 -14.02
CA PRO A 13 2.64 -15.41 -13.43
C PRO A 13 1.52 -15.89 -14.35
N VAL A 14 0.44 -16.35 -13.73
CA VAL A 14 -0.75 -16.87 -14.44
C VAL A 14 -1.85 -15.80 -14.42
N ALA A 15 -2.34 -15.45 -15.60
CA ALA A 15 -3.39 -14.43 -15.71
C ALA A 15 -4.77 -15.09 -15.64
N ALA A 16 -5.67 -14.54 -14.83
CA ALA A 16 -7.05 -15.04 -14.80
C ALA A 16 -7.66 -14.87 -16.19
N ASP A 17 -8.73 -15.63 -16.49
CA ASP A 17 -9.41 -15.58 -17.79
C ASP A 17 -9.80 -14.13 -18.07
N GLY A 18 -9.52 -13.63 -19.28
CA GLY A 18 -9.86 -12.27 -19.65
C GLY A 18 -8.73 -11.26 -19.45
N TRP A 19 -7.64 -11.65 -18.76
CA TRP A 19 -6.53 -10.76 -18.44
C TRP A 19 -5.29 -11.15 -19.24
N GLU A 20 -4.46 -10.16 -19.56
CA GLU A 20 -3.14 -10.36 -20.17
C GLU A 20 -2.15 -9.35 -19.59
N TYR A 21 -0.86 -9.69 -19.67
CA TYR A 21 0.18 -8.86 -19.12
C TYR A 21 1.43 -8.89 -20.02
N ARG A 22 2.37 -7.99 -19.73
CA ARG A 22 3.67 -8.06 -20.34
C ARG A 22 4.70 -7.41 -19.44
N LEU A 23 5.86 -8.05 -19.33
CA LEU A 23 7.01 -7.46 -18.69
C LEU A 23 7.55 -6.34 -19.57
N ILE A 24 7.71 -5.15 -19.01
CA ILE A 24 8.10 -4.00 -19.81
C ILE A 24 9.38 -3.35 -19.29
N SER A 25 9.84 -3.69 -18.08
CA SER A 25 11.09 -3.12 -17.64
C SER A 25 11.77 -4.09 -16.69
N THR A 26 13.10 -4.25 -16.84
CA THR A 26 13.93 -5.11 -16.00
C THR A 26 15.19 -4.35 -15.63
N GLY A 27 15.87 -4.85 -14.60
CA GLY A 27 17.14 -4.32 -14.13
C GLY A 27 16.99 -3.11 -13.23
N LEU A 28 15.79 -2.91 -12.67
CA LEU A 28 15.64 -1.84 -11.65
C LEU A 28 16.22 -2.35 -10.34
N THR A 29 16.70 -1.46 -9.49
CA THR A 29 17.30 -1.88 -8.20
C THR A 29 16.25 -2.45 -7.23
N ALA A 30 15.16 -1.72 -7.01
CA ALA A 30 14.08 -2.14 -6.09
C ALA A 30 12.85 -1.26 -6.34
N PRO A 31 12.10 -1.44 -7.44
CA PRO A 31 10.97 -0.56 -7.74
C PRO A 31 9.87 -0.68 -6.68
N ARG A 32 9.37 0.47 -6.22
CA ARG A 32 8.32 0.53 -5.21
C ARG A 32 7.10 1.27 -5.83
N SER A 33 6.77 2.45 -5.30
CA SER A 33 5.66 3.22 -5.84
C SER A 33 5.95 3.67 -7.27
N ILE A 34 4.90 3.73 -8.08
CA ILE A 34 5.00 4.20 -9.44
C ILE A 34 3.84 5.14 -9.73
N VAL A 35 4.07 6.07 -10.66
CA VAL A 35 2.98 6.98 -11.12
C VAL A 35 3.35 7.56 -12.49
N PHE A 36 2.36 7.84 -13.32
CA PHE A 36 2.64 8.57 -14.57
C PHE A 36 2.77 10.08 -14.33
N ASP A 37 3.67 10.71 -15.10
CA ASP A 37 3.74 12.20 -15.14
C ASP A 37 2.78 12.67 -16.23
N SER A 38 2.74 13.98 -16.50
CA SER A 38 1.81 14.58 -17.46
C SER A 38 2.29 14.41 -18.90
N THR A 39 3.53 14.03 -19.13
CA THR A 39 4.05 13.83 -20.47
C THR A 39 4.10 12.34 -20.85
N GLY A 40 3.44 11.46 -20.07
CA GLY A 40 3.33 10.05 -20.39
C GLY A 40 4.55 9.21 -20.00
N GLY A 41 5.43 9.79 -19.19
CA GLY A 41 6.58 9.03 -18.67
C GLY A 41 6.19 8.30 -17.40
N LEU A 42 6.83 7.17 -17.09
CA LEU A 42 6.46 6.44 -15.86
C LEU A 42 7.50 6.74 -14.79
N LEU A 43 7.07 7.38 -13.71
CA LEU A 43 7.98 7.71 -12.59
C LEU A 43 8.05 6.48 -11.67
N VAL A 44 9.26 6.06 -11.34
CA VAL A 44 9.45 4.87 -10.48
C VAL A 44 10.26 5.26 -9.25
N LEU A 45 9.76 4.90 -8.07
CA LEU A 45 10.59 5.15 -6.89
C LEU A 45 11.48 3.91 -6.79
N ASP A 46 12.72 4.02 -7.25
CA ASP A 46 13.64 2.86 -7.20
C ASP A 46 14.36 3.00 -5.86
N ALA A 47 13.97 2.18 -4.88
CA ALA A 47 14.52 2.31 -3.52
C ALA A 47 16.03 2.09 -3.55
N GLY A 48 16.76 3.02 -2.92
CA GLY A 48 18.20 2.97 -2.90
C GLY A 48 18.85 3.72 -4.06
N VAL A 49 18.04 4.23 -5.01
CA VAL A 49 18.55 5.04 -6.12
C VAL A 49 17.89 6.42 -6.09
N GLY A 50 16.56 6.43 -6.19
CA GLY A 50 15.77 7.65 -6.17
C GLY A 50 14.55 7.53 -7.08
N VAL A 51 14.22 8.63 -7.75
CA VAL A 51 13.04 8.69 -8.65
C VAL A 51 13.56 8.61 -10.08
N ARG A 52 13.15 7.57 -10.80
CA ARG A 52 13.59 7.38 -12.18
C ARG A 52 12.39 7.59 -13.10
N ARG A 53 12.65 8.08 -14.31
CA ARG A 53 11.58 8.31 -15.29
C ARG A 53 11.84 7.38 -16.47
N LEU A 54 10.86 6.56 -16.80
CA LEU A 54 10.97 5.61 -17.93
C LEU A 54 10.20 6.18 -19.11
N THR A 55 10.85 6.28 -20.27
CA THR A 55 10.18 6.75 -21.51
C THR A 55 9.55 5.52 -22.15
N LEU A 56 8.27 5.60 -22.50
CA LEU A 56 7.56 4.42 -23.05
C LEU A 56 7.11 4.67 -24.49
N GLN A 57 7.30 3.68 -25.34
CA GLN A 57 6.76 3.73 -26.72
C GLN A 57 5.48 2.89 -26.61
N ASP A 58 4.35 3.45 -27.00
CA ASP A 58 3.06 2.73 -26.82
C ASP A 58 2.48 2.34 -28.19
N ASN A 59 2.36 1.05 -28.44
CA ASN A 59 1.79 0.49 -29.68
C ASN A 59 0.38 -0.03 -29.40
N GLY A 60 -0.16 0.25 -28.21
CA GLY A 60 -1.50 -0.21 -27.87
C GLY A 60 -1.50 -1.51 -27.08
N GLY A 61 -2.57 -1.72 -26.31
CA GLY A 61 -2.70 -2.87 -25.42
C GLY A 61 -1.47 -3.06 -24.55
N THR A 62 -0.96 -4.28 -24.50
CA THR A 62 0.22 -4.53 -23.66
C THR A 62 1.50 -4.29 -24.46
N CYS A 63 1.38 -3.77 -25.68
CA CYS A 63 2.57 -3.56 -26.55
C CYS A 63 3.26 -2.24 -26.18
N LEU A 64 4.02 -2.25 -25.09
CA LEU A 64 4.75 -1.06 -24.62
C LEU A 64 6.23 -1.41 -24.45
N SER A 65 7.11 -0.48 -24.78
CA SER A 65 8.57 -0.73 -24.63
C SER A 65 9.20 0.46 -23.92
N VAL A 66 10.18 0.20 -23.04
CA VAL A 66 10.92 1.31 -22.41
C VAL A 66 12.04 1.65 -23.38
N THR A 67 12.09 2.88 -23.87
CA THR A 67 13.13 3.28 -24.86
C THR A 67 14.25 4.06 -24.17
N ALA A 68 13.99 4.62 -22.99
CA ALA A 68 15.03 5.39 -22.27
C ALA A 68 14.67 5.48 -20.79
N ASN A 69 15.67 5.75 -19.95
CA ASN A 69 15.46 5.90 -18.50
C ASN A 69 16.35 7.04 -18.04
N ALA A 70 15.85 7.86 -17.12
CA ALA A 70 16.64 8.99 -16.59
C ALA A 70 16.44 9.05 -15.07
N THR A 71 17.48 9.36 -14.32
CA THR A 71 17.30 9.52 -12.86
C THR A 71 16.94 10.99 -12.63
N LEU A 72 15.67 11.25 -12.33
CA LEU A 72 15.17 12.62 -12.06
C LEU A 72 15.74 13.13 -10.74
N ILE A 73 15.69 12.27 -9.71
CA ILE A 73 16.17 12.64 -8.36
C ILE A 73 17.11 11.53 -7.87
N ALA A 74 18.33 11.90 -7.50
CA ALA A 74 19.30 10.91 -6.98
C ALA A 74 19.36 11.10 -5.47
N ASP A 75 18.79 10.14 -4.74
CA ASP A 75 18.76 10.17 -3.29
C ASP A 75 18.53 8.75 -2.79
N THR A 76 19.60 8.13 -2.28
CA THR A 76 19.57 6.72 -1.84
C THR A 76 18.68 6.52 -0.61
N ALA A 77 18.28 7.60 0.06
CA ALA A 77 17.42 7.47 1.26
C ALA A 77 15.95 7.29 0.87
N LEU A 78 15.56 7.61 -0.37
CA LEU A 78 14.14 7.44 -0.75
C LEU A 78 13.88 5.93 -0.80
N ASN A 79 12.86 5.46 -0.08
CA ASN A 79 12.67 3.99 0.02
C ASN A 79 11.31 3.45 -0.42
N HIS A 80 10.28 4.28 -0.67
CA HIS A 80 8.97 3.70 -1.09
C HIS A 80 8.00 4.69 -1.73
N GLY A 81 7.67 5.75 -0.99
CA GLY A 81 6.54 6.62 -1.35
C GLY A 81 6.90 7.66 -2.38
N LEU A 82 5.89 8.04 -3.16
CA LEU A 82 6.03 8.83 -4.34
C LEU A 82 4.63 9.27 -4.72
N ALA A 83 4.48 10.54 -5.05
CA ALA A 83 3.21 11.08 -5.53
C ALA A 83 3.50 12.25 -6.46
N ILE A 84 2.55 12.53 -7.36
CA ILE A 84 2.72 13.71 -8.24
C ILE A 84 1.43 14.55 -8.18
N SER A 85 1.59 15.89 -8.17
CA SER A 85 0.47 16.82 -8.10
C SER A 85 -0.38 16.70 -9.37
N ALA A 86 -1.67 17.03 -9.26
CA ALA A 86 -2.65 16.98 -10.34
C ALA A 86 -2.17 17.79 -11.55
N ASP A 87 -1.49 18.91 -11.31
CA ASP A 87 -1.00 19.82 -12.37
C ASP A 87 0.29 19.28 -12.98
N GLY A 88 0.90 18.27 -12.35
CA GLY A 88 2.08 17.64 -12.90
C GLY A 88 3.41 18.33 -12.56
N GLY A 89 3.38 19.38 -11.73
CA GLY A 89 4.56 20.26 -11.51
C GLY A 89 5.28 20.05 -10.18
N THR A 90 4.74 19.21 -9.30
CA THR A 90 5.33 18.92 -8.02
C THR A 90 5.39 17.40 -7.80
N ILE A 91 6.61 16.90 -7.54
CA ILE A 91 6.86 15.53 -7.11
C ILE A 91 7.05 15.49 -5.59
N TYR A 92 6.36 14.54 -4.96
CA TYR A 92 6.58 14.21 -3.56
C TYR A 92 7.24 12.82 -3.44
N ALA A 93 8.27 12.73 -2.61
CA ALA A 93 8.94 11.43 -2.31
C ALA A 93 9.43 11.46 -0.85
N SER A 94 9.40 10.31 -0.18
CA SER A 94 9.71 10.25 1.24
C SER A 94 10.94 9.39 1.57
N THR A 95 11.60 9.79 2.65
CA THR A 95 12.62 8.95 3.32
C THR A 95 11.96 8.40 4.58
N VAL A 96 12.72 7.71 5.42
CA VAL A 96 12.14 7.19 6.69
C VAL A 96 11.68 8.37 7.59
N ASN A 97 12.40 9.48 7.57
CA ASN A 97 12.11 10.64 8.44
C ASN A 97 11.34 11.78 7.76
N ASP A 98 11.47 11.97 6.44
CA ASP A 98 10.85 13.19 5.86
C ASP A 98 10.14 12.97 4.53
N VAL A 99 9.15 13.83 4.28
CA VAL A 99 8.44 13.87 2.97
C VAL A 99 8.98 15.11 2.26
N TYR A 100 9.54 14.93 1.08
CA TYR A 100 10.13 16.05 0.31
C TYR A 100 9.23 16.41 -0.87
N ALA A 101 9.20 17.69 -1.20
CA ALA A 101 8.48 18.21 -2.38
C ALA A 101 9.53 18.79 -3.33
N TYR A 102 9.44 18.47 -4.61
CA TYR A 102 10.40 18.96 -5.61
C TYR A 102 9.62 19.61 -6.75
N THR A 103 10.22 20.60 -7.37
CA THR A 103 9.56 21.21 -8.54
C THR A 103 9.94 20.35 -9.73
N TYR A 104 8.96 19.92 -10.49
CA TYR A 104 9.22 19.10 -11.70
C TYR A 104 8.97 19.97 -12.93
N ASN A 105 9.98 20.10 -13.77
CA ASN A 105 9.87 20.90 -15.01
C ASN A 105 9.39 19.95 -16.10
N GLU A 106 8.11 20.03 -16.43
CA GLU A 106 7.49 19.15 -17.38
C GLU A 106 8.03 19.38 -18.81
N GLN A 107 8.65 20.54 -19.06
CA GLN A 107 9.15 20.89 -20.39
C GLN A 107 10.46 20.14 -20.66
N THR A 108 11.34 20.12 -19.65
CA THR A 108 12.67 19.50 -19.75
C THR A 108 12.70 18.10 -19.16
N ASN A 109 11.64 17.69 -18.43
CA ASN A 109 11.61 16.41 -17.68
C ASN A 109 12.83 16.31 -16.77
N THR A 110 13.02 17.34 -15.96
CA THR A 110 14.14 17.48 -15.02
C THR A 110 13.60 18.05 -13.72
N VAL A 111 14.32 17.76 -12.62
CA VAL A 111 14.11 18.31 -11.30
C VAL A 111 15.39 19.03 -10.87
N ASP A 112 15.31 20.32 -10.59
CA ASP A 112 16.41 21.07 -10.02
C ASP A 112 16.51 20.72 -8.53
N PRO A 113 17.59 20.04 -8.07
CA PRO A 113 17.71 19.60 -6.68
C PRO A 113 17.51 20.70 -5.65
N THR A 114 17.78 21.94 -6.05
CA THR A 114 17.71 23.12 -5.15
C THR A 114 16.27 23.55 -4.89
N THR A 115 15.30 22.97 -5.60
CA THR A 115 13.87 23.33 -5.37
C THR A 115 13.28 22.46 -4.28
N ARG A 116 14.06 21.49 -3.80
CA ARG A 116 13.56 20.55 -2.76
C ARG A 116 13.26 21.29 -1.47
N ARG A 117 12.14 20.92 -0.84
CA ARG A 117 11.71 21.48 0.45
C ARG A 117 11.06 20.34 1.25
N THR A 118 11.15 20.39 2.58
CA THR A 118 10.55 19.33 3.42
C THR A 118 9.12 19.77 3.78
N VAL A 119 8.14 18.88 3.62
CA VAL A 119 6.77 19.27 3.91
C VAL A 119 6.26 18.56 5.17
N VAL A 120 6.85 17.41 5.53
CA VAL A 120 6.50 16.66 6.73
C VAL A 120 7.82 16.04 7.22
N THR A 121 8.04 16.08 8.54
CA THR A 121 9.28 15.63 9.14
C THR A 121 9.03 14.88 10.46
N ASN A 122 10.12 14.36 11.04
CA ASN A 122 10.14 13.59 12.31
C ASN A 122 9.40 12.26 12.21
N MET A 123 9.52 11.52 11.09
CA MET A 123 8.76 10.27 10.94
C MET A 123 9.64 9.07 11.31
N THR A 124 10.91 9.32 11.59
CA THR A 124 11.89 8.22 11.75
C THR A 124 11.57 7.26 12.89
N ASN A 125 11.74 5.98 12.62
CA ASN A 125 11.67 4.84 13.57
C ASN A 125 12.32 3.61 12.93
N THR A 126 12.65 2.62 13.75
CA THR A 126 13.25 1.36 13.26
C THR A 126 12.17 0.41 12.75
N ASP A 127 12.59 -0.64 12.05
CA ASP A 127 11.74 -1.76 11.58
C ASP A 127 10.91 -1.36 10.35
N HIS A 128 9.78 -0.68 10.56
CA HIS A 128 8.93 -0.32 9.42
C HIS A 128 9.28 1.11 9.00
N VAL A 129 9.91 1.23 7.82
CA VAL A 129 10.64 2.46 7.48
C VAL A 129 10.04 3.15 6.24
N THR A 130 9.07 2.49 5.60
CA THR A 130 8.40 3.08 4.41
C THR A 130 7.40 4.15 4.86
N ARG A 131 7.26 5.19 4.05
CA ARG A 131 6.34 6.31 4.34
C ARG A 131 5.50 6.53 3.09
N THR A 132 4.43 5.74 2.95
CA THR A 132 3.55 5.78 1.75
C THR A 132 2.95 7.17 1.59
N LEU A 133 2.88 7.64 0.35
CA LEU A 133 2.30 8.96 0.03
C LEU A 133 1.10 8.77 -0.89
N LEU A 134 -0.02 9.41 -0.55
CA LEU A 134 -1.17 9.46 -1.42
C LEU A 134 -1.62 10.92 -1.54
N LEU A 135 -1.73 11.44 -2.76
CA LEU A 135 -2.42 12.75 -2.91
C LEU A 135 -3.86 12.46 -3.28
N SER A 136 -4.80 13.06 -2.56
CA SER A 136 -6.20 12.91 -2.84
C SER A 136 -6.50 13.40 -4.26
N SER A 137 -7.46 12.75 -4.93
CA SER A 137 -8.05 13.25 -6.16
C SER A 137 -9.21 14.21 -5.84
N ARG A 138 -10.09 13.84 -4.91
CA ARG A 138 -11.28 14.63 -4.53
C ARG A 138 -10.85 15.99 -3.92
N LEU A 139 -9.85 15.96 -3.05
CA LEU A 139 -9.26 17.16 -2.40
C LEU A 139 -7.79 17.26 -2.75
N PRO A 140 -7.42 17.80 -3.94
CA PRO A 140 -6.07 17.67 -4.49
C PRO A 140 -4.92 18.28 -3.68
N ASN A 141 -5.24 19.06 -2.65
CA ASN A 141 -4.25 19.64 -1.79
C ASN A 141 -4.02 18.80 -0.53
N GLU A 142 -4.75 17.67 -0.39
CA GLU A 142 -4.63 16.79 0.80
C GLU A 142 -3.63 15.66 0.49
N LEU A 143 -2.54 15.62 1.26
CA LEU A 143 -1.50 14.58 1.16
C LEU A 143 -1.65 13.64 2.38
N LEU A 144 -1.80 12.34 2.10
CA LEU A 144 -1.82 11.37 3.19
C LEU A 144 -0.46 10.68 3.26
N VAL A 145 -0.03 10.34 4.47
CA VAL A 145 1.24 9.70 4.70
C VAL A 145 0.99 8.56 5.70
N SER A 146 1.54 7.36 5.41
CA SER A 146 1.39 6.17 6.23
C SER A 146 2.72 5.87 6.89
N ARG A 147 2.68 5.33 8.11
CA ARG A 147 3.90 5.08 8.90
C ARG A 147 3.63 3.89 9.84
N GLY A 148 4.52 2.89 9.77
CA GLY A 148 4.30 1.67 10.51
C GLY A 148 5.01 1.66 11.86
N SER A 149 5.13 0.45 12.42
CA SER A 149 5.56 0.24 13.85
C SER A 149 7.08 0.18 13.95
N ALA A 150 7.63 0.34 15.17
CA ALA A 150 9.07 0.32 15.38
C ALA A 150 9.57 -1.09 15.72
N ALA A 151 8.63 -2.03 15.80
CA ALA A 151 8.88 -3.45 16.11
C ALA A 151 7.64 -4.27 15.70
N ASN A 152 7.74 -5.60 15.74
CA ASN A 152 6.58 -6.46 15.41
C ASN A 152 5.43 -6.11 16.37
N GLU A 153 5.77 -6.00 17.66
CA GLU A 153 4.81 -5.55 18.71
C GLU A 153 5.43 -4.28 19.30
N ASP A 154 4.93 -3.12 18.88
CA ASP A 154 5.52 -1.84 19.30
C ASP A 154 4.67 -1.24 20.42
N PRO A 155 5.16 -1.16 21.67
CA PRO A 155 4.35 -0.57 22.74
C PRO A 155 3.92 0.88 22.50
N GLN A 156 4.81 1.69 21.87
CA GLN A 156 4.60 3.10 21.58
C GLN A 156 3.47 3.30 20.54
N ALA A 157 2.98 2.22 19.90
CA ALA A 157 1.80 2.28 19.03
C ALA A 157 0.51 2.48 19.87
N ARG A 158 0.67 2.34 21.19
CA ARG A 158 -0.45 2.60 22.15
C ARG A 158 -0.49 4.09 22.46
N ASN A 159 0.58 4.80 22.13
CA ASN A 159 0.69 6.27 22.37
C ASN A 159 0.46 6.98 21.04
N VAL A 160 -0.69 7.61 20.87
CA VAL A 160 -1.02 8.28 19.56
C VAL A 160 0.02 9.35 19.26
N THR A 161 0.57 9.99 20.28
CA THR A 161 1.56 11.10 20.07
C THR A 161 2.90 10.59 19.54
N SER A 162 3.19 9.29 19.69
CA SER A 162 4.41 8.72 19.15
C SER A 162 4.44 8.80 17.62
N GLY A 163 3.27 8.78 16.96
CA GLY A 163 3.21 8.85 15.50
C GLY A 163 3.33 7.48 14.86
N HIS A 164 3.60 6.47 15.67
CA HIS A 164 3.82 5.10 15.15
C HIS A 164 2.49 4.47 14.76
N SER A 165 2.55 3.64 13.71
CA SER A 165 1.41 2.83 13.22
C SER A 165 0.17 3.68 12.93
N GLN A 166 0.31 4.72 12.12
CA GLN A 166 -0.88 5.56 11.83
C GLN A 166 -0.81 6.22 10.46
N ILE A 167 -1.95 6.75 10.03
CA ILE A 167 -2.07 7.51 8.75
C ILE A 167 -2.49 8.93 9.12
N ARG A 168 -1.78 9.93 8.58
CA ARG A 168 -2.01 11.33 8.82
C ARG A 168 -2.31 12.00 7.47
N ALA A 169 -3.09 13.09 7.50
CA ALA A 169 -3.42 13.92 6.34
C ALA A 169 -2.96 15.37 6.54
N TYR A 170 -2.39 15.95 5.48
CA TYR A 170 -1.74 17.28 5.57
C TYR A 170 -2.29 18.14 4.45
N ASP A 171 -2.75 19.35 4.82
CA ASP A 171 -3.18 20.32 3.79
C ASP A 171 -1.95 21.06 3.29
N ILE A 172 -1.41 20.61 2.16
CA ILE A 172 -0.20 21.17 1.59
C ILE A 172 -0.45 22.57 1.02
N SER A 173 -1.71 22.93 0.76
CA SER A 173 -1.96 24.28 0.24
C SER A 173 -1.60 25.33 1.31
N THR A 174 -1.66 24.96 2.61
CA THR A 174 -1.46 25.90 3.73
C THR A 174 0.02 26.14 4.03
N LEU A 175 0.92 25.62 3.19
CA LEU A 175 2.32 25.61 3.49
C LEU A 175 3.01 26.71 2.65
N ALA A 176 3.44 27.79 3.32
CA ALA A 176 4.17 28.91 2.71
C ALA A 176 5.59 28.46 2.32
N ALA A 177 6.25 29.24 1.47
CA ALA A 177 7.68 29.01 1.16
C ALA A 177 8.52 29.18 2.43
N THR A 178 8.22 30.25 3.19
CA THR A 178 8.96 30.67 4.40
C THR A 178 8.88 29.60 5.50
N ASP A 179 7.67 29.08 5.75
CA ASP A 179 7.42 28.28 6.95
C ASP A 179 7.97 26.86 6.77
N PRO A 180 8.17 26.14 7.89
CA PRO A 180 8.82 24.86 7.84
C PRO A 180 7.85 23.69 7.68
N PRO A 181 8.35 22.45 7.58
CA PRO A 181 7.47 21.33 7.41
C PRO A 181 6.59 21.06 8.62
N PHE A 182 5.49 20.38 8.37
CA PHE A 182 4.60 19.95 9.46
C PHE A 182 5.32 18.87 10.26
N ASP A 183 5.04 18.82 11.54
CA ASP A 183 5.53 17.66 12.31
C ASP A 183 4.57 16.53 11.97
N PHE A 184 5.07 15.30 11.90
CA PHE A 184 4.21 14.16 11.53
C PHE A 184 2.89 14.16 12.30
N VAL A 185 2.92 14.40 13.61
CA VAL A 185 1.67 14.33 14.42
C VAL A 185 0.84 15.62 14.36
N ALA A 186 1.27 16.61 13.57
CA ALA A 186 0.51 17.85 13.31
C ALA A 186 -0.59 17.56 12.29
N GLY A 187 -0.50 16.48 11.51
CA GLY A 187 -1.57 16.23 10.52
C GLY A 187 -2.87 15.73 11.13
N THR A 188 -3.91 15.72 10.31
CA THR A 188 -5.21 15.15 10.72
C THR A 188 -4.99 13.64 10.87
N LEU A 189 -5.60 13.06 11.89
CA LEU A 189 -5.45 11.61 12.14
C LEU A 189 -6.49 10.85 11.32
N ILE A 190 -6.04 10.06 10.36
CA ILE A 190 -6.96 9.25 9.53
C ILE A 190 -7.25 7.95 10.29
N GLY A 191 -6.23 7.41 10.94
CA GLY A 191 -6.38 6.26 11.79
C GLY A 191 -5.08 5.95 12.49
N TRP A 192 -5.19 5.27 13.63
CA TRP A 192 -4.00 4.75 14.31
C TRP A 192 -4.28 3.29 14.65
N GLY A 193 -3.33 2.64 15.34
CA GLY A 193 -3.53 1.21 15.60
C GLY A 193 -3.42 0.42 14.30
N LEU A 194 -2.59 0.95 13.42
CA LEU A 194 -2.38 0.40 12.02
C LEU A 194 -0.92 -0.06 11.90
N ARG A 195 -0.70 -1.35 12.07
CA ARG A 195 0.67 -1.81 12.35
C ARG A 195 1.66 -1.31 11.30
N ASP A 196 1.32 -1.60 10.05
CA ASP A 196 2.09 -1.16 8.86
C ASP A 196 1.12 -1.19 7.68
N SER A 197 0.30 -0.16 7.57
CA SER A 197 -0.70 -0.05 6.48
C SER A 197 -0.05 0.68 5.30
N VAL A 198 0.79 -0.05 4.57
CA VAL A 198 1.57 0.52 3.45
C VAL A 198 0.66 0.96 2.30
N GLY A 199 -0.41 0.24 2.05
CA GLY A 199 -1.31 0.55 0.94
C GLY A 199 -2.43 1.48 1.37
N VAL A 200 -2.55 2.63 0.71
CA VAL A 200 -3.62 3.61 1.04
C VAL A 200 -4.16 4.14 -0.30
N GLY A 201 -5.48 4.20 -0.42
CA GLY A 201 -6.10 4.59 -1.67
C GLY A 201 -7.43 5.27 -1.45
N GLU A 202 -7.89 5.93 -2.50
CA GLU A 202 -9.14 6.77 -2.45
C GLU A 202 -10.12 6.22 -3.45
N ASN A 203 -11.30 5.87 -2.99
CA ASN A 203 -12.37 5.38 -3.84
C ASN A 203 -13.09 6.52 -4.53
N PRO A 204 -13.01 6.67 -5.88
CA PRO A 204 -13.68 7.79 -6.57
C PRO A 204 -15.22 7.82 -6.49
N THR A 205 -15.88 6.70 -6.18
CA THR A 205 -17.32 6.67 -6.04
C THR A 205 -17.76 7.76 -5.05
N ASN A 206 -17.07 7.88 -3.91
CA ASN A 206 -17.51 8.86 -2.88
C ASN A 206 -16.34 9.55 -2.19
N GLY A 207 -15.10 9.15 -2.50
CA GLY A 207 -13.92 9.76 -1.85
C GLY A 207 -13.50 8.99 -0.61
N GLY A 208 -14.08 7.82 -0.40
CA GLY A 208 -13.72 6.99 0.77
C GLY A 208 -12.23 6.67 0.79
N ILE A 209 -11.63 6.76 1.98
CA ILE A 209 -10.20 6.46 2.20
C ILE A 209 -10.06 5.02 2.70
N TRP A 210 -9.21 4.24 2.03
CA TRP A 210 -9.02 2.80 2.32
C TRP A 210 -7.55 2.48 2.53
N SER A 211 -7.24 1.55 3.42
CA SER A 211 -5.84 1.14 3.65
C SER A 211 -5.79 -0.39 3.77
N VAL A 212 -4.64 -0.96 3.47
CA VAL A 212 -4.44 -2.44 3.57
C VAL A 212 -3.34 -2.64 4.61
N GLU A 213 -3.53 -3.64 5.48
CA GLU A 213 -2.68 -3.83 6.67
C GLU A 213 -1.78 -5.07 6.60
N ASN A 214 -0.51 -4.89 6.99
CA ASN A 214 0.42 -6.03 7.19
C ASN A 214 0.33 -6.30 8.69
N SER A 215 -0.38 -7.36 9.07
CA SER A 215 -0.66 -7.65 10.50
C SER A 215 0.49 -8.32 11.24
N VAL A 216 0.29 -8.57 12.53
CA VAL A 216 1.36 -9.11 13.41
C VAL A 216 1.84 -10.50 13.00
N ASP A 217 3.14 -10.71 13.16
CA ASP A 217 3.86 -11.98 12.93
C ASP A 217 3.90 -12.79 14.24
N ASP A 218 3.88 -14.12 14.10
CA ASP A 218 4.12 -15.07 15.19
C ASP A 218 3.06 -14.88 16.26
N LEU A 219 1.80 -14.76 15.81
CA LEU A 219 0.61 -14.62 16.68
C LEU A 219 0.47 -15.86 17.58
N THR A 220 0.27 -15.63 18.89
CA THR A 220 -0.17 -16.65 19.86
C THR A 220 -1.57 -16.27 20.35
N ARG A 221 -2.36 -17.29 20.69
CA ARG A 221 -3.67 -17.13 21.28
C ARG A 221 -3.78 -18.06 22.50
N GLU A 222 -3.88 -17.45 23.69
CA GLU A 222 -3.86 -18.24 24.93
C GLU A 222 -2.64 -19.17 24.90
N GLY A 223 -1.48 -18.56 24.59
CA GLY A 223 -0.17 -19.22 24.55
C GLY A 223 0.09 -20.07 23.31
N VAL A 224 -0.99 -20.57 22.72
CA VAL A 224 -0.92 -21.49 21.55
C VAL A 224 -0.41 -20.76 20.30
N ASP A 225 0.42 -21.43 19.51
CA ASP A 225 0.96 -20.83 18.26
C ASP A 225 -0.09 -21.03 17.18
N VAL A 226 -0.73 -19.93 16.77
CA VAL A 226 -1.83 -19.97 15.76
C VAL A 226 -1.47 -19.09 14.55
N HIS A 227 -0.19 -18.74 14.41
CA HIS A 227 0.32 -17.82 13.35
C HIS A 227 0.14 -18.35 11.92
N GLN A 228 0.14 -19.67 11.72
CA GLN A 228 0.08 -20.18 10.35
C GLN A 228 -1.05 -19.46 9.56
N ASP A 229 -2.27 -19.38 10.10
CA ASP A 229 -3.44 -18.83 9.38
C ASP A 229 -4.12 -17.67 10.14
N ASN A 230 -3.37 -17.01 11.03
CA ASN A 230 -3.89 -15.86 11.80
C ASN A 230 -2.73 -14.89 12.09
N PRO A 231 -3.01 -13.59 12.33
CA PRO A 231 -4.32 -13.02 12.11
C PRO A 231 -4.50 -12.67 10.63
N GLY A 232 -5.72 -12.35 10.22
CA GLY A 232 -5.94 -11.98 8.82
C GLY A 232 -5.34 -10.65 8.46
N GLU A 233 -4.91 -10.50 7.22
CA GLU A 233 -4.48 -9.15 6.71
C GLU A 233 -5.81 -8.37 6.69
N GLU A 234 -5.77 -7.04 6.52
CA GLU A 234 -7.07 -6.33 6.61
C GLU A 234 -7.23 -5.24 5.55
N LEU A 235 -8.49 -4.94 5.24
CA LEU A 235 -8.89 -3.78 4.43
C LEU A 235 -9.62 -2.88 5.44
N ASN A 236 -9.08 -1.68 5.69
CA ASN A 236 -9.64 -0.76 6.70
C ASN A 236 -10.24 0.48 6.02
N PHE A 237 -11.37 0.93 6.54
CA PHE A 237 -12.10 2.12 6.02
C PHE A 237 -11.86 3.31 6.97
N HIS A 238 -11.48 4.46 6.42
CA HIS A 238 -11.17 5.63 7.22
C HIS A 238 -12.09 6.85 6.94
N GLY A 239 -13.30 6.58 6.46
CA GLY A 239 -14.28 7.62 6.08
C GLY A 239 -13.81 8.43 4.89
N ILE A 240 -14.14 9.72 4.87
CA ILE A 240 -13.93 10.53 3.69
C ILE A 240 -13.17 11.77 4.11
N LEU A 241 -12.19 12.17 3.31
CA LEU A 241 -11.43 13.37 3.67
C LEU A 241 -12.37 14.58 3.75
N GLY A 242 -12.15 15.47 4.72
CA GLY A 242 -12.99 16.65 4.93
C GLY A 242 -14.27 16.35 5.72
N ASN A 243 -14.24 15.22 6.46
CA ASN A 243 -15.30 14.89 7.40
C ASN A 243 -14.72 13.95 8.46
N THR A 244 -15.40 13.88 9.63
CA THR A 244 -14.89 13.11 10.76
C THR A 244 -15.58 11.76 10.90
N ALA A 245 -16.66 11.51 10.18
CA ALA A 245 -17.36 10.25 10.36
C ALA A 245 -16.42 9.09 9.95
N ASN A 246 -16.38 8.06 10.79
CA ASN A 246 -15.64 6.81 10.51
C ASN A 246 -14.16 7.08 10.32
N GLN A 247 -13.64 8.14 10.91
CA GLN A 247 -12.23 8.52 10.69
C GLN A 247 -11.55 8.84 12.01
N GLY A 248 -10.26 8.54 12.11
CA GLY A 248 -9.45 8.87 13.29
C GLY A 248 -9.44 7.82 14.38
N GLY A 249 -10.19 6.73 14.22
CA GLY A 249 -10.27 5.66 15.18
C GLY A 249 -8.97 4.84 15.29
N ASN A 250 -8.95 3.96 16.29
CA ASN A 250 -7.82 3.03 16.56
C ASN A 250 -8.21 1.68 15.95
N TYR A 251 -7.40 1.19 15.01
CA TYR A 251 -7.73 -0.05 14.29
C TYR A 251 -7.28 -1.31 15.03
N GLY A 252 -6.79 -1.15 16.26
CA GLY A 252 -6.49 -2.28 17.16
C GLY A 252 -5.04 -2.60 17.44
N TYR A 253 -4.10 -2.35 16.55
CA TYR A 253 -2.70 -2.72 16.86
C TYR A 253 -2.15 -1.85 18.00
N PRO A 254 -1.44 -2.38 19.01
CA PRO A 254 -1.09 -3.79 19.14
C PRO A 254 -1.91 -4.60 20.17
N ASP A 255 -3.11 -4.14 20.53
CA ASP A 255 -3.92 -4.86 21.54
C ASP A 255 -5.01 -5.75 20.92
N CYS A 256 -5.31 -5.60 19.63
CA CYS A 256 -6.39 -6.30 19.01
C CYS A 256 -6.00 -6.61 17.55
N TYR A 257 -6.36 -7.82 17.08
CA TYR A 257 -6.02 -8.38 15.75
C TYR A 257 -7.27 -9.02 15.19
N ALA A 258 -7.34 -9.22 13.86
CA ALA A 258 -8.56 -9.60 13.22
C ALA A 258 -8.54 -11.10 12.90
N LEU A 259 -9.71 -11.74 12.95
CA LEU A 259 -9.77 -13.19 12.79
C LEU A 259 -9.91 -13.58 11.30
N TRP A 260 -8.98 -14.45 10.86
CA TRP A 260 -9.05 -15.09 9.52
C TRP A 260 -9.60 -16.52 9.62
N SER A 261 -8.90 -17.38 10.35
CA SER A 261 -9.24 -18.83 10.46
C SER A 261 -9.77 -19.14 11.87
N THR A 262 -10.98 -19.70 11.90
CA THR A 262 -11.70 -20.02 13.13
C THR A 262 -11.39 -21.45 13.59
N ALA A 263 -10.82 -22.27 12.70
CA ALA A 263 -10.60 -23.66 13.00
C ALA A 263 -9.45 -23.76 13.99
N GLY A 264 -9.70 -24.38 15.15
CA GLY A 264 -8.69 -24.66 16.18
C GLY A 264 -8.30 -23.41 16.98
N PHE A 265 -9.08 -22.33 16.87
CA PHE A 265 -8.69 -21.07 17.47
C PHE A 265 -9.03 -21.11 18.95
N PRO A 266 -8.11 -20.96 19.91
CA PRO A 266 -8.50 -21.02 21.31
C PRO A 266 -9.53 -19.94 21.72
N ASP A 267 -10.55 -20.35 22.49
CA ASP A 267 -11.59 -19.42 23.05
C ASP A 267 -12.31 -18.64 21.94
N LEU A 268 -12.77 -19.31 20.89
CA LEU A 268 -13.46 -18.65 19.75
C LEU A 268 -14.71 -17.90 20.20
N GLY A 269 -15.35 -18.34 21.29
CA GLY A 269 -16.56 -17.70 21.76
C GLY A 269 -17.53 -17.48 20.60
N ALA A 270 -18.04 -16.25 20.49
CA ALA A 270 -18.93 -15.83 19.41
C ALA A 270 -18.17 -15.07 18.31
N LEU A 271 -16.83 -15.17 18.28
CA LEU A 271 -16.02 -14.51 17.25
C LEU A 271 -16.40 -15.03 15.87
N GLU A 272 -16.44 -14.14 14.88
CA GLU A 272 -16.55 -14.51 13.45
C GLU A 272 -15.32 -14.01 12.69
N VAL A 273 -15.12 -14.57 11.49
CA VAL A 273 -14.15 -14.03 10.52
C VAL A 273 -14.31 -12.50 10.47
N GLY A 274 -13.24 -11.74 10.67
CA GLY A 274 -13.34 -10.28 10.55
C GLY A 274 -13.41 -9.56 11.88
N ASP A 275 -13.90 -10.25 12.93
CA ASP A 275 -13.98 -9.65 14.28
C ASP A 275 -12.57 -9.55 14.85
N GLN A 276 -12.33 -8.57 15.71
CA GLN A 276 -10.98 -8.46 16.31
C GLN A 276 -11.04 -9.09 17.70
N PHE A 277 -9.90 -9.56 18.19
CA PHE A 277 -9.79 -10.21 19.51
C PHE A 277 -8.54 -9.67 20.19
N ALA A 278 -8.50 -9.78 21.51
CA ALA A 278 -7.36 -9.26 22.30
C ALA A 278 -6.09 -10.06 22.04
N SER A 279 -4.97 -9.37 21.92
CA SER A 279 -3.64 -10.03 21.76
C SER A 279 -3.22 -10.61 23.11
N ASP A 280 -2.44 -11.68 23.07
CA ASP A 280 -1.90 -12.30 24.31
C ASP A 280 -1.03 -11.23 24.98
N ASN A 281 -0.47 -10.32 24.18
CA ASN A 281 0.41 -9.31 24.69
C ASN A 281 -0.28 -7.93 24.82
N ALA A 282 -1.62 -7.92 24.81
CA ALA A 282 -2.48 -6.71 25.04
C ALA A 282 -2.14 -6.11 26.40
N THR A 283 -2.31 -4.79 26.55
CA THR A 283 -2.01 -4.16 27.83
C THR A 283 -3.01 -4.71 28.88
N ALA A 284 -2.55 -4.75 30.13
CA ALA A 284 -3.32 -5.28 31.26
C ALA A 284 -4.72 -4.66 31.27
N GLY A 285 -5.77 -5.48 31.32
CA GLY A 285 -7.13 -4.98 31.36
C GLY A 285 -7.87 -5.15 30.04
N VAL A 286 -7.15 -5.21 28.91
CA VAL A 286 -7.80 -5.38 27.60
C VAL A 286 -8.26 -6.81 27.45
N THR A 287 -9.52 -7.00 27.06
CA THR A 287 -10.14 -8.27 26.77
C THR A 287 -10.76 -8.25 25.37
N ASP A 288 -11.30 -9.39 24.93
CA ASP A 288 -11.94 -9.48 23.64
C ASP A 288 -13.09 -8.47 23.52
N ALA A 289 -13.76 -8.20 24.64
CA ALA A 289 -14.89 -7.26 24.64
C ALA A 289 -14.36 -5.84 24.41
N THR A 290 -13.20 -5.53 24.97
CA THR A 290 -12.57 -4.20 24.79
C THR A 290 -12.28 -4.00 23.31
N CYS A 291 -11.78 -5.02 22.64
CA CYS A 291 -11.47 -4.94 21.20
C CYS A 291 -12.76 -4.66 20.43
N ASN A 292 -13.84 -5.33 20.82
CA ASN A 292 -15.15 -5.12 20.17
C ASN A 292 -15.72 -3.73 20.45
N THR A 293 -15.42 -3.12 21.60
CA THR A 293 -16.16 -1.89 21.94
C THR A 293 -15.32 -0.63 21.64
N ASN A 294 -14.00 -0.69 21.76
CA ASN A 294 -13.19 0.53 21.78
C ASN A 294 -12.33 0.69 20.51
N PHE A 295 -12.34 -0.33 19.65
CA PHE A 295 -11.44 -0.43 18.47
C PHE A 295 -12.25 -0.67 17.21
N VAL A 296 -11.66 -0.30 16.06
CA VAL A 296 -12.37 -0.36 14.79
C VAL A 296 -11.98 -1.64 14.02
N ASP A 297 -12.98 -2.45 13.73
CA ASP A 297 -12.82 -3.72 13.04
C ASP A 297 -12.51 -3.46 11.57
N PRO A 298 -11.84 -4.37 10.85
CA PRO A 298 -11.62 -4.19 9.43
C PRO A 298 -12.92 -4.41 8.65
N ARG A 299 -13.03 -3.75 7.50
CA ARG A 299 -14.20 -3.95 6.60
C ARG A 299 -14.11 -5.34 5.95
N LEU A 300 -12.90 -5.78 5.62
CA LEU A 300 -12.64 -7.12 5.03
C LEU A 300 -11.35 -7.67 5.60
N VAL A 301 -11.22 -9.00 5.57
CA VAL A 301 -9.93 -9.64 5.99
C VAL A 301 -9.44 -10.48 4.81
N PHE A 302 -8.15 -10.71 4.76
CA PHE A 302 -7.53 -11.53 3.70
C PHE A 302 -6.65 -12.57 4.36
N GLN A 303 -6.36 -13.63 3.63
CA GLN A 303 -5.48 -14.73 4.10
C GLN A 303 -4.30 -14.17 4.89
N ALA A 304 -4.04 -14.75 6.05
CA ALA A 304 -2.92 -14.28 6.89
C ALA A 304 -1.62 -14.37 6.10
N HIS A 305 -0.76 -13.37 6.28
CA HIS A 305 0.63 -13.26 5.74
C HIS A 305 0.70 -12.92 4.24
N VAL A 306 -0.43 -12.59 3.58
CA VAL A 306 -0.37 -12.23 2.13
C VAL A 306 0.45 -10.94 1.93
N SER A 307 0.52 -10.08 2.94
CA SER A 307 1.33 -8.83 2.92
C SER A 307 0.95 -7.84 1.80
N PRO A 308 -0.26 -7.24 1.82
CA PRO A 308 -0.64 -6.27 0.79
C PRO A 308 0.20 -4.99 0.88
N LEU A 309 0.56 -4.38 -0.26
CA LEU A 309 1.40 -3.16 -0.23
C LEU A 309 0.74 -1.98 -0.95
N ASP A 310 -0.28 -2.23 -1.77
CA ASP A 310 -0.94 -1.08 -2.45
C ASP A 310 -2.40 -1.41 -2.78
N ILE A 311 -3.24 -0.37 -2.82
CA ILE A 311 -4.65 -0.49 -3.25
C ILE A 311 -4.95 0.68 -4.18
N LYS A 312 -5.44 0.37 -5.37
CA LYS A 312 -5.82 1.36 -6.41
C LYS A 312 -7.20 1.00 -6.94
N PHE A 313 -8.08 1.99 -7.01
CA PHE A 313 -9.43 1.75 -7.53
C PHE A 313 -9.47 2.12 -9.00
N ASN A 314 -10.40 1.51 -9.73
CA ASN A 314 -10.62 1.89 -11.15
C ASN A 314 -11.42 3.20 -11.20
N THR A 315 -11.54 3.77 -12.40
CA THR A 315 -12.20 5.09 -12.59
C THR A 315 -13.63 5.04 -12.07
N ASN A 316 -14.32 3.93 -12.35
CA ASN A 316 -15.73 3.66 -11.94
C ASN A 316 -15.86 3.45 -10.44
N GLY A 317 -14.80 3.01 -9.75
CA GLY A 317 -14.88 2.70 -8.31
C GLY A 317 -15.51 1.34 -8.06
N THR A 318 -15.73 0.55 -9.12
CA THR A 318 -16.38 -0.77 -8.99
C THR A 318 -15.37 -1.84 -8.57
N THR A 319 -14.09 -1.54 -8.68
CA THR A 319 -13.05 -2.54 -8.36
C THR A 319 -11.80 -1.89 -7.78
N ALA A 320 -11.25 -2.53 -6.77
CA ALA A 320 -9.97 -2.14 -6.17
C ALA A 320 -8.99 -3.25 -6.49
N TYR A 321 -7.80 -2.88 -6.92
CA TYR A 321 -6.74 -3.85 -7.22
C TYR A 321 -5.76 -3.77 -6.06
N ILE A 322 -5.32 -4.93 -5.57
CA ILE A 322 -4.40 -4.94 -4.41
C ILE A 322 -3.18 -5.82 -4.71
N THR A 323 -2.02 -5.34 -4.32
CA THR A 323 -0.80 -6.15 -4.48
C THR A 323 -0.57 -6.97 -3.20
N PHE A 324 -0.41 -8.29 -3.35
CA PHE A 324 -0.06 -9.20 -2.23
C PHE A 324 1.41 -9.54 -2.44
N HIS A 325 2.27 -8.88 -1.69
CA HIS A 325 3.74 -9.02 -1.81
C HIS A 325 4.25 -10.42 -1.46
N GLY A 326 3.53 -11.18 -0.63
CA GLY A 326 3.96 -12.54 -0.28
C GLY A 326 4.42 -12.69 1.15
N SER A 327 4.11 -13.84 1.73
CA SER A 327 4.45 -14.26 3.13
C SER A 327 5.95 -14.49 3.30
N THR A 328 6.42 -14.17 4.51
CA THR A 328 7.68 -14.70 4.99
C THR A 328 7.51 -15.47 6.30
N ASP A 329 6.33 -15.40 6.93
CA ASP A 329 6.08 -15.90 8.31
C ASP A 329 5.07 -17.04 8.26
N ARG A 330 5.09 -17.83 7.17
CA ARG A 330 4.25 -18.99 7.03
C ARG A 330 5.02 -20.13 6.33
N THR A 331 4.68 -21.38 6.71
CA THR A 331 5.42 -22.58 6.30
C THR A 331 5.22 -22.80 4.80
N THR A 332 3.98 -22.87 4.35
CA THR A 332 3.69 -22.79 2.92
C THR A 332 3.44 -21.32 2.57
N PRO A 333 4.15 -20.73 1.58
CA PRO A 333 3.93 -19.33 1.17
C PRO A 333 2.54 -19.03 0.63
N VAL A 334 2.09 -17.78 0.88
CA VAL A 334 0.82 -17.29 0.35
C VAL A 334 1.07 -15.86 -0.18
N GLY A 335 0.16 -15.40 -1.04
CA GLY A 335 0.34 -14.07 -1.68
C GLY A 335 1.05 -14.21 -3.01
N TYR A 336 2.04 -13.35 -3.26
CA TYR A 336 2.79 -13.36 -4.53
C TYR A 336 1.76 -13.23 -5.66
N SER A 337 0.95 -12.19 -5.58
CA SER A 337 -0.16 -12.05 -6.56
C SER A 337 -0.73 -10.64 -6.62
N ILE A 338 -1.61 -10.46 -7.60
CA ILE A 338 -2.44 -9.24 -7.77
C ILE A 338 -3.88 -9.75 -7.71
N VAL A 339 -4.66 -9.15 -6.84
CA VAL A 339 -6.08 -9.54 -6.68
C VAL A 339 -6.97 -8.30 -6.83
N SER A 340 -8.23 -8.55 -7.07
CA SER A 340 -9.28 -7.52 -7.10
C SER A 340 -10.34 -7.78 -6.03
N VAL A 341 -11.02 -6.69 -5.62
CA VAL A 341 -12.13 -6.73 -4.70
C VAL A 341 -13.26 -5.84 -5.28
N ALA A 342 -14.49 -6.38 -5.36
CA ALA A 342 -15.63 -5.69 -5.98
C ALA A 342 -16.23 -4.71 -4.96
N PHE A 343 -16.62 -3.53 -5.44
CA PHE A 343 -17.18 -2.46 -4.58
C PHE A 343 -18.52 -2.07 -5.18
N GLY A 344 -19.45 -1.64 -4.31
CA GLY A 344 -20.77 -1.28 -4.72
C GLY A 344 -20.96 0.21 -4.80
N LEU A 345 -22.21 0.60 -5.08
CA LEU A 345 -22.59 2.01 -5.36
C LEU A 345 -22.39 2.88 -4.11
N ASN A 346 -22.42 2.31 -2.90
CA ASN A 346 -22.21 3.16 -1.72
C ASN A 346 -20.73 3.19 -1.32
N GLY A 347 -19.87 2.65 -2.18
CA GLY A 347 -18.44 2.82 -2.00
C GLY A 347 -17.83 1.77 -1.06
N GLN A 348 -18.59 0.72 -0.74
CA GLN A 348 -18.17 -0.33 0.17
C GLN A 348 -17.99 -1.63 -0.61
N PRO A 349 -17.17 -2.57 -0.09
CA PRO A 349 -17.08 -3.91 -0.70
C PRO A 349 -18.46 -4.57 -0.83
N THR A 350 -18.72 -5.23 -1.95
CA THR A 350 -19.92 -6.01 -2.09
C THR A 350 -19.85 -7.26 -1.20
N SER A 351 -18.65 -7.74 -0.81
CA SER A 351 -18.55 -8.86 0.11
C SER A 351 -18.83 -8.39 1.55
N PRO A 352 -19.44 -9.26 2.38
CA PRO A 352 -19.58 -8.97 3.81
C PRO A 352 -18.28 -9.14 4.60
N MET A 353 -18.26 -8.59 5.81
CA MET A 353 -17.02 -8.49 6.55
C MET A 353 -16.54 -9.89 7.02
N ASP A 354 -17.40 -10.91 6.99
CA ASP A 354 -16.96 -12.26 7.37
C ASP A 354 -16.60 -13.12 6.15
N SER A 355 -16.59 -12.56 4.93
CA SER A 355 -16.14 -13.32 3.74
C SER A 355 -14.68 -13.77 3.86
N THR A 356 -14.43 -15.01 3.44
CA THR A 356 -13.06 -15.50 3.26
C THR A 356 -12.73 -15.57 1.76
N THR A 357 -13.63 -15.09 0.88
CA THR A 357 -13.46 -15.21 -0.59
C THR A 357 -13.59 -13.85 -1.31
N ALA A 358 -13.34 -12.74 -0.62
CA ALA A 358 -13.54 -11.42 -1.23
C ALA A 358 -12.40 -11.09 -2.24
N ALA A 359 -11.18 -11.61 -2.01
CA ALA A 359 -10.05 -11.36 -2.92
C ALA A 359 -10.16 -12.28 -4.17
N ASN A 360 -10.28 -11.70 -5.38
CA ASN A 360 -10.41 -12.49 -6.63
C ASN A 360 -9.05 -12.48 -7.33
N ASN A 361 -8.52 -13.62 -7.74
CA ASN A 361 -7.15 -13.56 -8.27
C ASN A 361 -7.14 -12.93 -9.66
N ILE A 362 -6.16 -12.06 -9.90
CA ILE A 362 -5.97 -11.46 -11.25
C ILE A 362 -4.70 -12.04 -11.89
N LEU A 363 -3.58 -12.00 -11.18
CA LEU A 363 -2.27 -12.54 -11.62
C LEU A 363 -1.72 -13.34 -10.45
N THR A 364 -1.44 -14.63 -10.63
CA THR A 364 -0.95 -15.40 -9.48
C THR A 364 0.32 -16.18 -9.83
N SER A 365 1.07 -16.50 -8.79
CA SER A 365 2.26 -17.38 -8.92
C SER A 365 1.78 -18.80 -9.14
N PRO A 366 2.26 -19.52 -10.19
CA PRO A 366 1.80 -20.86 -10.49
C PRO A 366 2.08 -21.89 -9.37
N ASP A 367 3.16 -21.68 -8.60
CA ASP A 367 3.52 -22.68 -7.60
C ASP A 367 4.13 -21.96 -6.40
N LEU A 368 3.28 -21.77 -5.39
CA LEU A 368 3.62 -20.98 -4.21
C LEU A 368 4.81 -21.56 -3.43
N THR A 369 5.15 -22.84 -3.63
CA THR A 369 6.23 -23.47 -2.86
C THR A 369 7.58 -22.94 -3.34
N GLN A 370 7.59 -22.32 -4.52
CA GLN A 370 8.81 -21.74 -5.10
C GLN A 370 9.06 -20.28 -4.69
N CYS A 371 8.08 -19.67 -3.99
CA CYS A 371 8.20 -18.28 -3.52
C CYS A 371 8.97 -18.25 -2.20
N PRO A 372 9.74 -17.20 -1.94
CA PRO A 372 9.88 -16.00 -2.74
C PRO A 372 10.95 -16.05 -3.84
N ASP A 373 11.86 -17.02 -3.75
CA ASP A 373 13.05 -17.08 -4.64
C ASP A 373 12.70 -17.10 -6.13
N ASP A 374 11.64 -17.81 -6.52
CA ASP A 374 11.29 -17.92 -7.96
C ASP A 374 9.91 -17.32 -8.23
N CYS A 375 9.58 -16.22 -7.55
CA CYS A 375 8.25 -15.59 -7.75
C CYS A 375 8.36 -14.06 -7.79
N PHE A 376 7.41 -13.41 -8.45
CA PHE A 376 7.39 -11.93 -8.41
C PHE A 376 6.83 -11.48 -7.05
N THR A 377 7.19 -10.27 -6.63
CA THR A 377 6.72 -9.72 -5.33
C THR A 377 6.10 -8.36 -5.64
N PRO A 378 4.81 -8.30 -6.03
CA PRO A 378 4.18 -7.05 -6.43
C PRO A 378 4.19 -6.03 -5.29
N VAL A 379 4.42 -4.76 -5.64
CA VAL A 379 4.49 -3.67 -4.63
C VAL A 379 3.50 -2.56 -5.01
N GLY A 380 3.85 -1.75 -6.00
CA GLY A 380 3.06 -0.57 -6.37
C GLY A 380 2.22 -0.75 -7.61
N LEU A 381 1.08 -0.07 -7.62
CA LEU A 381 0.14 -0.10 -8.75
C LEU A 381 -0.10 1.33 -9.23
N THR A 382 -0.44 1.46 -10.50
CA THR A 382 -0.86 2.75 -11.07
C THR A 382 -1.62 2.50 -12.36
N PHE A 383 -2.61 3.34 -12.61
CA PHE A 383 -3.37 3.29 -13.86
C PHE A 383 -2.83 4.35 -14.83
N ASP A 384 -2.86 4.04 -16.13
CA ASP A 384 -2.62 5.13 -17.11
C ASP A 384 -3.97 5.79 -17.41
N THR A 385 -3.94 6.72 -18.37
CA THR A 385 -5.13 7.49 -18.79
C THR A 385 -6.20 6.60 -19.44
N ILE A 386 -5.84 5.45 -20.00
CA ILE A 386 -6.87 4.59 -20.66
C ILE A 386 -7.28 3.38 -19.83
N GLY A 387 -6.87 3.30 -18.56
CA GLY A 387 -7.34 2.17 -17.72
C GLY A 387 -6.40 0.98 -17.64
N ARG A 388 -5.27 1.01 -18.36
CA ARG A 388 -4.29 -0.09 -18.18
C ARG A 388 -3.63 0.04 -16.80
N LEU A 389 -3.39 -1.11 -16.20
CA LEU A 389 -2.78 -1.22 -14.86
C LEU A 389 -1.29 -1.49 -15.03
N PHE A 390 -0.46 -0.79 -14.29
CA PHE A 390 1.00 -1.02 -14.29
C PHE A 390 1.41 -1.35 -12.85
N PHE A 391 2.35 -2.27 -12.68
CA PHE A 391 2.78 -2.59 -11.30
C PHE A 391 4.27 -2.93 -11.25
N SER A 392 4.85 -2.70 -10.08
CA SER A 392 6.24 -2.99 -9.79
C SER A 392 6.37 -4.29 -9.01
N SER A 393 7.53 -4.95 -9.19
CA SER A 393 7.99 -6.08 -8.38
C SER A 393 9.39 -5.75 -7.86
N ASP A 394 9.49 -5.50 -6.56
CA ASP A 394 10.73 -4.89 -6.10
C ASP A 394 11.88 -5.93 -6.12
N SER A 395 11.61 -7.13 -5.64
CA SER A 395 12.64 -8.22 -5.46
C SER A 395 13.22 -8.64 -6.81
N THR A 396 12.43 -8.54 -7.88
CA THR A 396 12.80 -8.99 -9.24
C THR A 396 13.28 -7.81 -10.10
N GLY A 397 13.05 -6.56 -9.67
CA GLY A 397 13.48 -5.37 -10.42
C GLY A 397 12.66 -5.11 -11.69
N GLU A 398 11.38 -5.46 -11.66
CA GLU A 398 10.55 -5.41 -12.89
C GLU A 398 9.35 -4.48 -12.77
N ILE A 399 8.90 -4.01 -13.93
CA ILE A 399 7.65 -3.22 -14.10
C ILE A 399 6.83 -4.00 -15.13
N PHE A 400 5.56 -4.18 -14.88
CA PHE A 400 4.69 -4.91 -15.82
C PHE A 400 3.47 -4.07 -16.17
N VAL A 401 2.93 -4.33 -17.35
CA VAL A 401 1.58 -3.82 -17.71
C VAL A 401 0.59 -4.98 -17.66
N LEU A 402 -0.64 -4.66 -17.28
CA LEU A 402 -1.72 -5.63 -17.04
C LEU A 402 -3.03 -5.03 -17.55
N GLN A 403 -3.81 -5.74 -18.37
CA GLN A 403 -5.10 -5.22 -18.81
C GLN A 403 -6.03 -6.37 -19.14
N GLN A 404 -7.31 -6.07 -19.32
CA GLN A 404 -8.26 -7.04 -19.86
C GLN A 404 -8.03 -7.17 -21.38
N SER A 405 -8.19 -8.38 -21.94
CA SER A 405 -7.71 -8.67 -23.35
C SER A 405 -8.79 -8.36 -24.38
#